data_4CU9
#
_entry.id   4CU9
#
_cell.length_a   38.250
_cell.length_b   69.280
_cell.length_c   121.170
_cell.angle_alpha   90.00
_cell.angle_beta   90.00
_cell.angle_gamma   90.00
#
_symmetry.space_group_name_H-M   'P 21 21 21'
#
loop_
_entity.id
_entity.type
_entity.pdbx_description
1 polymer BETA-GALACTOSIDASE
2 non-polymer 'CALCIUM ION'
3 non-polymer 1,2-ETHANEDIOL
4 water water
#
_entity_poly.entity_id   1
_entity_poly.type   'polypeptide(L)'
_entity_poly.pdbx_seq_one_letter_code
;LVPRGSHMNPNYDENSNQAFASATNDIDKNSHDRVDYLNDGDHSENRRWTNWSPTPSSNPEVSAGVIFRENGKIVERTVA
QAKLHFFADSGTDAPSKLVLERYVGPGFEVPTYYSNYQAYESGHPFNNPENWEAVPYRADKDIAAGDEINVTFKAVKAKA
MRWRMERKADKSGVAMIEMTFLAPSE
;
_entity_poly.pdbx_strand_id   A,B
#
# COMPACT_ATOMS: atom_id res chain seq x y z
N GLU A 14 -2.83 -28.30 5.26
CA GLU A 14 -3.83 -29.11 6.00
C GLU A 14 -5.17 -28.81 5.36
N ASN A 15 -6.22 -29.45 5.86
CA ASN A 15 -7.50 -29.38 5.18
C ASN A 15 -8.49 -28.43 5.89
N SER A 16 -8.03 -27.82 6.99
CA SER A 16 -8.85 -26.91 7.79
C SER A 16 -8.49 -25.42 7.55
N ASN A 17 -8.97 -24.53 8.43
CA ASN A 17 -8.80 -23.09 8.24
C ASN A 17 -7.35 -22.69 8.04
N GLN A 18 -7.16 -21.71 7.15
CA GLN A 18 -5.82 -21.25 6.76
C GLN A 18 -5.58 -19.80 7.18
N ALA A 19 -4.57 -19.60 8.04
CA ALA A 19 -4.21 -18.29 8.47
C ALA A 19 -3.45 -17.63 7.34
N PHE A 20 -3.60 -16.31 7.25
CA PHE A 20 -2.88 -15.53 6.23
C PHE A 20 -2.47 -14.19 6.75
N ALA A 21 -1.46 -13.59 6.09
CA ALA A 21 -1.04 -12.24 6.39
C ALA A 21 -0.49 -11.47 5.18
N SER A 22 -0.68 -10.17 5.22
CA SER A 22 -0.09 -9.29 4.20
C SER A 22 1.45 -9.37 4.19
N ALA A 23 2.04 -9.47 5.38
CA ALA A 23 3.48 -9.64 5.55
C ALA A 23 3.82 -10.46 6.78
N THR A 24 4.96 -11.17 6.76
CA THR A 24 5.35 -11.98 7.89
C THR A 24 6.88 -12.04 7.91
N ASN A 25 7.45 -12.03 9.12
CA ASN A 25 8.89 -12.24 9.32
C ASN A 25 9.23 -13.73 9.28
N ASP A 26 9.07 -14.33 8.11
CA ASP A 26 9.38 -15.75 7.92
C ASP A 26 10.32 -15.99 6.74
N ILE A 27 10.96 -14.93 6.27
CA ILE A 27 11.82 -15.01 5.09
C ILE A 27 13.27 -15.33 5.48
N ASP A 28 13.73 -14.69 6.53
CA ASP A 28 15.08 -14.89 7.05
C ASP A 28 15.10 -16.26 7.69
N LYS A 29 16.06 -17.10 7.30
CA LYS A 29 16.20 -18.42 7.86
C LYS A 29 16.42 -18.46 9.37
N ASN A 30 16.82 -17.33 9.96
CA ASN A 30 16.99 -17.28 11.41
C ASN A 30 15.68 -17.00 12.13
N SER A 31 14.64 -16.61 11.39
CA SER A 31 13.38 -16.27 12.06
C SER A 31 12.54 -17.50 12.35
N HIS A 32 11.88 -17.51 13.50
CA HIS A 32 10.91 -18.53 13.86
C HIS A 32 9.44 -18.07 13.83
N ASP A 33 9.15 -16.88 13.31
CA ASP A 33 7.75 -16.41 13.28
C ASP A 33 7.06 -17.07 12.10
N ARG A 34 5.80 -17.47 12.29
CA ARG A 34 5.03 -18.15 11.25
C ARG A 34 3.58 -17.73 11.37
N VAL A 35 2.95 -17.47 10.23
CA VAL A 35 1.55 -17.08 10.24
C VAL A 35 0.66 -18.26 10.67
N ASP A 36 1.12 -19.47 10.40
CA ASP A 36 0.36 -20.65 10.78
C ASP A 36 0.25 -20.80 12.28
N TYR A 37 1.06 -20.09 13.07
CA TYR A 37 0.92 -20.11 14.51
C TYR A 37 -0.30 -19.32 15.00
N LEU A 38 -0.93 -18.54 14.10
CA LEU A 38 -2.13 -17.79 14.44
C LEU A 38 -3.36 -18.64 14.77
N ASN A 39 -3.48 -19.80 14.14
CA ASN A 39 -4.66 -20.65 14.40
C ASN A 39 -4.36 -22.08 14.74
N ASP A 40 -3.31 -22.31 15.51
CA ASP A 40 -2.91 -23.68 15.86
C ASP A 40 -3.42 -24.09 17.24
N GLY A 41 -4.21 -23.25 17.89
CA GLY A 41 -4.68 -23.56 19.24
C GLY A 41 -3.66 -23.36 20.34
N ASP A 42 -2.40 -23.13 19.97
CA ASP A 42 -1.31 -23.03 20.92
C ASP A 42 -1.17 -21.58 21.36
N HIS A 43 -0.89 -21.37 22.64
CA HIS A 43 -0.70 -20.03 23.18
C HIS A 43 0.69 -19.83 23.76
N SER A 44 1.69 -20.54 23.24
CA SER A 44 3.08 -20.35 23.65
C SER A 44 3.60 -19.02 23.09
N GLU A 45 4.26 -18.25 23.93
CA GLU A 45 4.89 -16.99 23.53
C GLU A 45 5.97 -17.16 22.47
N ASN A 46 6.52 -18.37 22.39
N ASN A 46 6.56 -18.36 22.40
CA ASN A 46 7.60 -18.65 21.43
CA ASN A 46 7.61 -18.61 21.40
C ASN A 46 7.12 -19.14 20.07
C ASN A 46 7.12 -19.20 20.08
N ARG A 47 5.80 -19.24 19.89
CA ARG A 47 5.21 -19.55 18.61
C ARG A 47 4.28 -18.40 18.21
N ARG A 48 4.83 -17.40 17.55
CA ARG A 48 4.04 -16.23 17.20
C ARG A 48 4.16 -15.88 15.73
N TRP A 49 3.16 -15.18 15.23
CA TRP A 49 3.25 -14.48 13.98
C TRP A 49 3.69 -13.06 14.29
N THR A 50 4.53 -12.52 13.41
CA THR A 50 4.92 -11.17 13.50
C THR A 50 5.23 -10.69 12.08
N ASN A 51 5.19 -9.37 11.88
CA ASN A 51 5.69 -8.78 10.60
C ASN A 51 6.89 -7.91 10.87
N TRP A 52 7.62 -8.25 11.92
CA TRP A 52 8.84 -7.53 12.31
C TRP A 52 9.82 -7.49 11.12
N SER A 53 10.46 -6.35 11.00
CA SER A 53 11.50 -6.13 10.04
C SER A 53 12.57 -5.23 10.62
N PRO A 54 13.84 -5.43 10.23
CA PRO A 54 14.87 -4.44 10.61
C PRO A 54 14.71 -3.08 9.94
N THR A 55 14.04 -3.05 8.81
CA THR A 55 13.69 -1.80 8.13
C THR A 55 12.20 -1.71 7.86
N PRO A 56 11.39 -1.31 8.87
CA PRO A 56 9.93 -1.35 8.63
C PRO A 56 9.45 -0.30 7.67
N SER A 57 8.33 -0.58 7.03
CA SER A 57 7.74 0.36 6.16
C SER A 57 7.23 1.50 7.05
N SER A 58 7.22 2.69 6.46
CA SER A 58 6.62 3.86 7.12
C SER A 58 5.13 3.77 7.21
N ASN A 59 4.52 2.94 6.37
CA ASN A 59 3.09 2.70 6.48
C ASN A 59 3.00 1.66 7.58
N PRO A 60 2.34 2.01 8.68
CA PRO A 60 2.28 1.09 9.83
C PRO A 60 1.32 -0.08 9.64
N GLU A 61 0.61 -0.13 8.53
CA GLU A 61 -0.45 -1.12 8.36
C GLU A 61 0.05 -2.52 8.08
N VAL A 62 -0.57 -3.50 8.75
CA VAL A 62 -0.40 -4.91 8.41
C VAL A 62 -1.75 -5.57 8.67
N SER A 63 -2.11 -6.54 7.83
CA SER A 63 -3.32 -7.33 8.01
C SER A 63 -3.01 -8.79 8.22
N ALA A 64 -3.77 -9.39 9.12
CA ALA A 64 -3.66 -10.83 9.32
C ALA A 64 -5.07 -11.37 9.53
N GLY A 65 -5.31 -12.58 9.00
CA GLY A 65 -6.62 -13.15 9.04
C GLY A 65 -6.72 -14.66 8.90
N VAL A 66 -7.95 -15.12 8.75
CA VAL A 66 -8.24 -16.54 8.53
C VAL A 66 -9.19 -16.73 7.37
N ILE A 67 -8.80 -17.62 6.48
CA ILE A 67 -9.68 -18.21 5.47
C ILE A 67 -10.32 -19.50 6.03
N PHE A 68 -11.64 -19.55 6.01
CA PHE A 68 -12.40 -20.68 6.50
C PHE A 68 -12.40 -21.81 5.47
N ARG A 69 -11.97 -22.98 5.90
CA ARG A 69 -11.91 -24.18 5.07
C ARG A 69 -12.34 -25.40 5.85
N GLU A 70 -12.85 -26.38 5.15
CA GLU A 70 -13.18 -27.67 5.76
C GLU A 70 -12.92 -28.72 4.69
N ASN A 71 -12.24 -29.81 5.08
CA ASN A 71 -11.95 -30.92 4.18
C ASN A 71 -11.35 -30.37 2.89
N GLY A 72 -10.46 -29.39 3.04
CA GLY A 72 -9.71 -28.85 1.91
C GLY A 72 -10.41 -27.85 1.01
N LYS A 73 -11.62 -27.42 1.34
CA LYS A 73 -12.36 -26.50 0.47
C LYS A 73 -12.76 -25.28 1.26
N ILE A 74 -12.72 -24.13 0.59
CA ILE A 74 -13.06 -22.90 1.26
C ILE A 74 -14.58 -22.84 1.46
N VAL A 75 -14.99 -22.46 2.66
CA VAL A 75 -16.41 -22.46 2.99
C VAL A 75 -16.84 -21.13 3.57
N GLU A 76 -18.12 -20.82 3.39
CA GLU A 76 -18.68 -19.67 4.09
C GLU A 76 -19.04 -20.07 5.52
N ARG A 77 -18.72 -19.21 6.49
CA ARG A 77 -19.18 -19.43 7.84
C ARG A 77 -19.92 -18.18 8.31
N THR A 78 -20.77 -18.38 9.33
CA THR A 78 -21.33 -17.25 10.04
C THR A 78 -20.56 -17.03 11.35
N VAL A 79 -20.04 -15.82 11.53
CA VAL A 79 -19.24 -15.49 12.73
C VAL A 79 -19.74 -14.23 13.43
N ALA A 80 -19.59 -14.20 14.75
CA ALA A 80 -20.05 -13.06 15.54
C ALA A 80 -19.14 -12.79 16.73
N GLN A 81 -18.08 -13.59 16.87
CA GLN A 81 -17.17 -13.42 17.99
C GLN A 81 -15.76 -13.68 17.48
N ALA A 82 -14.78 -13.12 18.19
CA ALA A 82 -13.38 -13.30 17.85
C ALA A 82 -12.55 -13.27 19.10
N LYS A 83 -11.38 -13.88 19.00
CA LYS A 83 -10.38 -13.82 20.07
C LYS A 83 -9.06 -13.38 19.48
N LEU A 84 -8.37 -12.57 20.25
CA LEU A 84 -7.10 -12.01 19.86
C LEU A 84 -6.09 -12.19 20.98
N HIS A 85 -4.93 -12.77 20.69
CA HIS A 85 -3.85 -12.88 21.69
C HIS A 85 -2.59 -12.22 21.12
N PHE A 86 -2.23 -11.07 21.64
CA PHE A 86 -1.07 -10.33 21.17
C PHE A 86 0.15 -10.64 21.99
N PHE A 87 1.32 -10.38 21.40
CA PHE A 87 2.60 -10.61 22.03
C PHE A 87 3.37 -9.32 21.94
N ALA A 88 4.32 -9.13 22.86
CA ALA A 88 5.24 -8.00 22.77
C ALA A 88 6.63 -8.39 23.20
N ASP A 89 7.60 -7.71 22.61
CA ASP A 89 9.01 -7.81 22.98
C ASP A 89 9.68 -6.52 22.50
N SER A 90 11.00 -6.52 22.32
CA SER A 90 11.68 -5.25 21.96
C SER A 90 11.21 -4.68 20.63
N GLY A 91 10.88 -5.54 19.67
CA GLY A 91 10.55 -5.10 18.33
C GLY A 91 9.06 -5.03 18.02
N THR A 92 8.25 -5.72 18.82
CA THR A 92 6.85 -5.94 18.48
C THR A 92 5.89 -5.66 19.62
N ASP A 93 4.61 -5.53 19.27
CA ASP A 93 3.57 -5.28 20.25
C ASP A 93 2.21 -5.54 19.63
N ALA A 94 1.19 -5.42 20.49
CA ALA A 94 -0.18 -5.21 20.06
C ALA A 94 -0.19 -3.94 19.18
N PRO A 95 -1.22 -3.80 18.33
CA PRO A 95 -1.26 -2.65 17.45
C PRO A 95 -1.87 -1.43 18.14
N SER A 96 -1.64 -0.25 17.54
CA SER A 96 -2.21 1.02 18.02
C SER A 96 -3.61 1.18 17.51
N LYS A 97 -3.92 0.56 16.38
CA LYS A 97 -5.24 0.65 15.73
C LYS A 97 -5.56 -0.72 15.17
N LEU A 98 -6.85 -1.07 15.19
CA LEU A 98 -7.35 -2.44 14.97
C LEU A 98 -8.70 -2.29 14.27
N VAL A 99 -8.83 -2.72 13.01
CA VAL A 99 -10.11 -2.70 12.29
C VAL A 99 -10.46 -4.13 11.91
N LEU A 100 -11.67 -4.55 12.24
CA LEU A 100 -12.17 -5.86 11.81
C LEU A 100 -12.79 -5.74 10.43
N GLU A 101 -12.45 -6.66 9.55
CA GLU A 101 -13.02 -6.69 8.22
C GLU A 101 -13.42 -8.07 7.74
N ARG A 102 -14.48 -8.09 6.96
CA ARG A 102 -14.95 -9.31 6.32
C ARG A 102 -14.69 -9.24 4.82
N TYR A 103 -14.36 -10.39 4.23
CA TYR A 103 -14.06 -10.42 2.82
C TYR A 103 -15.36 -10.28 2.01
N VAL A 104 -15.35 -9.37 1.04
CA VAL A 104 -16.51 -9.16 0.17
C VAL A 104 -16.08 -9.15 -1.30
N GLY A 105 -14.88 -9.68 -1.61
CA GLY A 105 -14.39 -9.65 -2.97
C GLY A 105 -14.81 -10.86 -3.79
N PRO A 106 -14.19 -11.03 -4.96
CA PRO A 106 -14.53 -12.18 -5.79
C PRO A 106 -14.11 -13.51 -5.20
N GLY A 107 -14.57 -14.60 -5.81
CA GLY A 107 -14.14 -15.92 -5.44
C GLY A 107 -12.61 -15.98 -5.56
N PHE A 108 -11.98 -16.82 -4.77
CA PHE A 108 -10.51 -16.85 -4.64
C PHE A 108 -10.04 -18.20 -4.21
N GLU A 109 -8.74 -18.43 -4.32
CA GLU A 109 -8.09 -19.58 -3.72
C GLU A 109 -7.11 -19.08 -2.66
N VAL A 110 -6.67 -19.98 -1.79
CA VAL A 110 -5.62 -19.68 -0.80
C VAL A 110 -4.40 -19.18 -1.56
N PRO A 111 -3.85 -18.02 -1.15
CA PRO A 111 -2.66 -17.58 -1.80
C PRO A 111 -1.52 -18.61 -1.69
N THR A 112 -0.70 -18.68 -2.73
CA THR A 112 0.53 -19.45 -2.60
C THR A 112 1.40 -18.88 -1.48
N TYR A 113 1.59 -17.58 -1.53
CA TYR A 113 2.38 -16.85 -0.54
C TYR A 113 1.43 -16.28 0.49
N TYR A 114 0.81 -17.18 1.25
CA TYR A 114 -0.26 -16.77 2.15
C TYR A 114 0.27 -15.98 3.36
N SER A 115 1.55 -16.05 3.66
CA SER A 115 2.14 -15.26 4.76
C SER A 115 2.68 -13.91 4.32
N ASN A 116 2.77 -13.69 3.00
CA ASN A 116 3.36 -12.50 2.47
C ASN A 116 2.70 -12.12 1.15
N TYR A 117 1.36 -11.99 1.18
CA TYR A 117 0.66 -11.77 -0.07
C TYR A 117 0.98 -10.42 -0.66
N GLN A 118 1.30 -9.43 0.18
CA GLN A 118 1.50 -8.08 -0.38
C GLN A 118 2.70 -8.00 -1.30
N ALA A 119 3.81 -8.56 -0.85
CA ALA A 119 5.10 -8.54 -1.57
C ALA A 119 5.16 -9.62 -2.65
N TYR A 120 4.59 -10.77 -2.35
CA TYR A 120 4.85 -11.93 -3.17
C TYR A 120 3.69 -12.42 -3.98
N GLU A 121 2.51 -11.90 -3.71
CA GLU A 121 1.35 -12.28 -4.48
C GLU A 121 0.38 -11.10 -4.58
N SER A 122 0.90 -9.93 -5.02
CA SER A 122 0.15 -8.67 -5.07
C SER A 122 -1.08 -8.74 -5.96
N GLY A 123 -1.12 -9.63 -6.94
CA GLY A 123 -2.33 -9.79 -7.75
C GLY A 123 -3.49 -10.54 -7.10
N HIS A 124 -3.25 -11.15 -5.94
CA HIS A 124 -4.31 -11.86 -5.23
C HIS A 124 -5.41 -10.87 -4.78
N PRO A 125 -6.68 -11.25 -4.89
CA PRO A 125 -7.74 -10.28 -4.50
C PRO A 125 -7.71 -9.77 -3.06
N PHE A 126 -7.04 -10.49 -2.15
CA PHE A 126 -6.83 -10.04 -0.79
C PHE A 126 -6.07 -8.73 -0.75
N ASN A 127 -5.31 -8.42 -1.78
CA ASN A 127 -4.49 -7.25 -1.77
C ASN A 127 -5.21 -5.98 -2.24
N ASN A 128 -6.48 -6.09 -2.59
CA ASN A 128 -7.25 -4.96 -3.01
C ASN A 128 -8.16 -4.51 -1.85
N PRO A 129 -7.93 -3.31 -1.29
CA PRO A 129 -8.66 -2.89 -0.10
C PRO A 129 -10.18 -2.84 -0.30
N GLU A 130 -10.64 -2.66 -1.53
CA GLU A 130 -12.11 -2.57 -1.78
C GLU A 130 -12.80 -3.93 -1.60
N ASN A 131 -12.01 -4.99 -1.46
CA ASN A 131 -12.57 -6.35 -1.24
C ASN A 131 -12.75 -6.69 0.24
N TRP A 132 -12.66 -5.68 1.11
CA TRP A 132 -12.76 -5.89 2.55
C TRP A 132 -13.73 -4.81 3.08
N GLU A 133 -14.66 -5.25 3.90
CA GLU A 133 -15.67 -4.36 4.53
C GLU A 133 -15.50 -4.37 6.05
N ALA A 134 -15.41 -3.16 6.61
CA ALA A 134 -15.28 -2.97 8.06
C ALA A 134 -16.49 -3.49 8.83
N VAL A 135 -16.19 -4.08 9.98
CA VAL A 135 -17.22 -4.66 10.85
C VAL A 135 -17.08 -3.97 12.22
N PRO A 136 -18.12 -3.23 12.68
CA PRO A 136 -17.99 -2.63 14.00
C PRO A 136 -17.96 -3.73 15.08
N TYR A 137 -17.21 -3.52 16.15
CA TYR A 137 -17.02 -4.58 17.13
C TYR A 137 -16.90 -3.97 18.54
N ARG A 138 -17.06 -4.81 19.56
CA ARG A 138 -16.74 -4.46 20.93
C ARG A 138 -15.71 -5.43 21.48
N ALA A 139 -14.65 -4.93 22.13
CA ALA A 139 -13.66 -5.78 22.80
C ALA A 139 -13.87 -5.71 24.34
N ASP A 140 -13.59 -6.79 25.03
CA ASP A 140 -13.79 -6.89 26.49
C ASP A 140 -12.69 -6.22 27.32
N LYS A 141 -11.53 -5.95 26.71
CA LYS A 141 -10.47 -5.28 27.42
C LYS A 141 -9.59 -4.48 26.48
N ASP A 142 -8.62 -3.80 27.06
CA ASP A 142 -7.72 -2.93 26.28
C ASP A 142 -6.93 -3.76 25.28
N ILE A 143 -6.61 -3.15 24.15
CA ILE A 143 -5.82 -3.80 23.12
C ILE A 143 -4.37 -3.70 23.54
N ALA A 144 -3.88 -4.79 24.14
CA ALA A 144 -2.56 -4.92 24.68
C ALA A 144 -2.11 -6.38 24.64
N ALA A 145 -0.81 -6.58 24.79
CA ALA A 145 -0.21 -7.90 24.82
C ALA A 145 -0.44 -8.49 26.23
N GLY A 146 -0.64 -9.78 26.32
CA GLY A 146 -0.83 -10.41 27.62
C GLY A 146 -2.00 -11.34 27.57
N ASP A 147 -3.14 -10.92 28.07
CA ASP A 147 -4.32 -11.78 28.15
C ASP A 147 -4.95 -11.85 26.78
N GLU A 148 -5.66 -12.94 26.54
CA GLU A 148 -6.55 -13.04 25.39
C GLU A 148 -7.68 -12.00 25.48
N ILE A 149 -7.97 -11.39 24.34
CA ILE A 149 -9.00 -10.37 24.21
C ILE A 149 -10.19 -10.99 23.49
N ASN A 150 -11.39 -10.75 24.02
CA ASN A 150 -12.59 -11.30 23.44
C ASN A 150 -13.35 -10.16 22.77
N VAL A 151 -13.88 -10.43 21.59
CA VAL A 151 -14.55 -9.45 20.75
C VAL A 151 -15.88 -9.98 20.28
N THR A 152 -16.91 -9.10 20.26
CA THR A 152 -18.19 -9.42 19.68
C THR A 152 -18.54 -8.45 18.58
N PHE A 153 -19.35 -8.93 17.67
CA PHE A 153 -19.90 -8.13 16.61
C PHE A 153 -21.22 -8.70 16.13
N LYS A 154 -21.97 -7.92 15.37
CA LYS A 154 -23.18 -8.43 14.75
C LYS A 154 -22.78 -9.51 13.72
N ALA A 155 -23.54 -10.61 13.71
CA ALA A 155 -23.22 -11.76 12.90
C ALA A 155 -23.12 -11.41 11.41
N VAL A 156 -22.07 -11.90 10.78
CA VAL A 156 -21.85 -11.74 9.36
C VAL A 156 -21.47 -13.10 8.77
N LYS A 157 -21.74 -13.23 7.48
CA LYS A 157 -21.32 -14.38 6.70
C LYS A 157 -20.08 -14.02 5.92
N ALA A 158 -19.08 -14.91 5.92
CA ALA A 158 -17.84 -14.66 5.24
C ALA A 158 -17.03 -15.94 5.01
N LYS A 159 -16.24 -15.89 3.96
CA LYS A 159 -15.28 -16.95 3.64
C LYS A 159 -13.91 -16.64 4.22
N ALA A 160 -13.71 -15.39 4.63
CA ALA A 160 -12.44 -14.95 5.23
C ALA A 160 -12.72 -13.71 6.06
N MET A 161 -12.03 -13.62 7.20
CA MET A 161 -12.10 -12.45 8.09
C MET A 161 -10.65 -12.03 8.33
N ARG A 162 -10.45 -10.75 8.57
CA ARG A 162 -9.15 -10.25 8.95
C ARG A 162 -9.23 -9.08 9.91
N TRP A 163 -8.07 -8.82 10.52
CA TRP A 163 -7.86 -7.60 11.29
C TRP A 163 -6.84 -6.79 10.53
N ARG A 164 -7.24 -5.57 10.17
CA ARG A 164 -6.35 -4.60 9.52
C ARG A 164 -5.81 -3.71 10.61
N MET A 165 -4.51 -3.83 10.85
CA MET A 165 -3.89 -3.26 12.05
C MET A 165 -2.78 -2.26 11.70
N GLU A 166 -2.46 -1.42 12.66
CA GLU A 166 -1.32 -0.52 12.56
C GLU A 166 -0.43 -0.76 13.72
N ARG A 167 0.84 -0.99 13.42
CA ARG A 167 1.84 -1.03 14.46
C ARG A 167 1.94 0.27 15.24
N LYS A 168 2.42 0.17 16.47
CA LYS A 168 2.75 1.37 17.25
C LYS A 168 3.97 2.09 16.67
N ALA A 169 3.99 3.41 16.85
CA ALA A 169 5.07 4.25 16.30
C ALA A 169 6.44 3.90 16.90
N ASP A 170 6.49 3.44 18.13
CA ASP A 170 7.76 3.07 18.75
C ASP A 170 8.07 1.56 18.63
N LYS A 171 7.41 0.86 17.69
CA LYS A 171 7.64 -0.54 17.45
C LYS A 171 7.88 -0.81 15.95
N SER A 172 8.43 -1.98 15.64
CA SER A 172 8.77 -2.36 14.27
C SER A 172 7.81 -3.39 13.67
N GLY A 173 6.77 -3.75 14.43
CA GLY A 173 5.76 -4.64 13.91
C GLY A 173 4.70 -4.98 14.94
N VAL A 174 3.76 -5.77 14.47
CA VAL A 174 2.71 -6.34 15.32
C VAL A 174 3.05 -7.80 15.56
N ALA A 175 2.72 -8.29 16.75
CA ALA A 175 2.93 -9.69 17.09
C ALA A 175 1.70 -10.34 17.70
N MET A 176 1.40 -11.56 17.25
CA MET A 176 0.23 -12.28 17.73
C MET A 176 0.52 -13.73 17.94
N ILE A 177 -0.12 -14.27 18.98
CA ILE A 177 0.00 -15.67 19.32
C ILE A 177 -1.19 -16.49 18.83
N GLU A 178 -2.36 -15.87 18.78
CA GLU A 178 -3.54 -16.55 18.32
C GLU A 178 -4.57 -15.55 17.80
N MET A 179 -5.29 -15.99 16.77
CA MET A 179 -6.40 -15.22 16.23
C MET A 179 -7.47 -16.23 15.89
N THR A 180 -8.68 -16.03 16.38
CA THR A 180 -9.79 -16.96 16.19
C THR A 180 -11.07 -16.19 15.87
N PHE A 181 -11.90 -16.79 15.01
CA PHE A 181 -13.24 -16.30 14.73
C PHE A 181 -14.22 -17.38 15.10
N LEU A 182 -15.37 -17.01 15.67
CA LEU A 182 -16.30 -18.02 16.17
C LEU A 182 -17.75 -17.71 15.86
N ALA A 183 -18.58 -18.75 15.87
CA ALA A 183 -20.00 -18.70 15.56
C ALA A 183 -20.73 -17.88 16.59
N PRO A 184 -21.90 -17.34 16.23
CA PRO A 184 -22.72 -16.65 17.24
C PRO A 184 -23.06 -17.49 18.45
N SER A 185 -23.30 -16.81 19.57
CA SER A 185 -24.14 -17.35 20.65
C SER A 185 -25.58 -17.44 20.08
N GLU A 186 -26.31 -18.55 20.23
CA GLU A 186 -26.07 -19.61 21.21
C GLU A 186 -24.62 -19.99 21.36
N LEU B 1 18.41 -6.32 -9.76
CA LEU B 1 17.72 -5.36 -10.67
C LEU B 1 17.50 -4.02 -9.98
N VAL B 2 18.20 -2.98 -10.43
CA VAL B 2 18.10 -1.61 -9.88
C VAL B 2 17.32 -0.72 -10.86
N PRO B 3 16.31 0.02 -10.35
CA PRO B 3 15.53 0.89 -11.26
C PRO B 3 16.37 2.01 -11.87
N ARG B 4 16.00 2.50 -13.05
CA ARG B 4 16.72 3.63 -13.64
C ARG B 4 16.53 4.92 -12.81
N GLY B 5 15.32 5.12 -12.29
CA GLY B 5 15.02 6.30 -11.47
C GLY B 5 15.51 6.17 -10.03
N SER B 6 16.84 6.19 -9.85
CA SER B 6 17.44 5.96 -8.57
C SER B 6 18.77 6.73 -8.45
N HIS B 7 19.46 6.52 -7.34
CA HIS B 7 20.81 7.08 -7.10
C HIS B 7 21.81 6.81 -8.22
N MET B 8 21.64 5.72 -8.96
CA MET B 8 22.48 5.41 -10.14
C MET B 8 22.15 6.24 -11.39
N ASN B 9 21.32 7.25 -11.29
CA ASN B 9 20.93 8.04 -12.47
C ASN B 9 22.01 9.11 -12.71
N PRO B 10 22.81 8.96 -13.79
CA PRO B 10 23.90 9.88 -14.03
C PRO B 10 23.47 11.25 -14.55
N ASN B 11 22.20 11.38 -14.99
CA ASN B 11 21.64 12.67 -15.40
C ASN B 11 20.76 13.29 -14.29
N TYR B 12 20.89 12.75 -13.07
CA TYR B 12 20.14 13.22 -11.93
C TYR B 12 20.27 14.74 -11.82
N ASP B 13 19.15 15.38 -11.50
CA ASP B 13 18.86 16.80 -11.75
C ASP B 13 20.02 17.82 -11.68
N GLU B 14 20.79 17.88 -10.59
CA GLU B 14 20.41 17.34 -9.29
C GLU B 14 19.84 18.50 -8.46
N ASN B 15 19.78 19.68 -9.07
CA ASN B 15 19.25 20.88 -8.44
C ASN B 15 18.06 21.46 -9.22
N SER B 16 17.20 20.59 -9.77
CA SER B 16 15.92 20.99 -10.34
C SER B 16 14.83 20.14 -9.65
N ASN B 17 13.56 20.38 -9.94
CA ASN B 17 12.47 19.63 -9.29
C ASN B 17 12.59 18.17 -9.66
N GLN B 18 12.14 17.28 -8.77
CA GLN B 18 12.39 15.90 -8.97
C GLN B 18 11.06 15.17 -8.98
N ALA B 19 10.76 14.53 -10.11
CA ALA B 19 9.59 13.68 -10.17
C ALA B 19 9.86 12.38 -9.45
N PHE B 20 8.79 11.79 -8.93
CA PHE B 20 8.88 10.56 -8.19
C PHE B 20 7.58 9.77 -8.40
N ALA B 21 7.63 8.50 -8.06
CA ALA B 21 6.43 7.67 -8.11
C ALA B 21 6.59 6.49 -7.19
N SER B 22 5.45 5.94 -6.82
CA SER B 22 5.44 4.77 -5.96
C SER B 22 5.93 3.51 -6.68
N ALA B 23 5.68 3.42 -7.99
CA ALA B 23 6.13 2.30 -8.84
C ALA B 23 6.30 2.84 -10.26
N THR B 24 7.26 2.29 -10.99
CA THR B 24 7.57 2.65 -12.36
C THR B 24 8.17 1.43 -13.07
N ASN B 25 7.78 1.28 -14.32
CA ASN B 25 8.29 0.22 -15.20
C ASN B 25 9.63 0.69 -15.76
N ASP B 26 10.63 0.84 -14.89
CA ASP B 26 11.97 1.26 -15.30
C ASP B 26 13.03 0.29 -14.79
N ILE B 27 12.62 -0.93 -14.53
CA ILE B 27 13.49 -1.91 -13.87
C ILE B 27 14.04 -2.86 -14.91
N ASP B 28 13.18 -3.36 -15.79
CA ASP B 28 13.62 -4.22 -16.87
C ASP B 28 14.63 -3.49 -17.76
N LYS B 29 15.69 -4.19 -18.17
CA LYS B 29 16.74 -3.59 -18.98
C LYS B 29 16.24 -2.93 -20.25
N ASN B 30 15.21 -3.52 -20.86
CA ASN B 30 14.65 -3.02 -22.12
C ASN B 30 13.38 -2.20 -21.96
N SER B 31 13.10 -1.77 -20.72
N SER B 31 13.01 -1.80 -20.73
CA SER B 31 12.00 -0.85 -20.45
CA SER B 31 11.86 -0.91 -20.64
C SER B 31 12.41 0.51 -20.98
C SER B 31 12.34 0.50 -20.90
N HIS B 32 11.44 1.33 -21.40
CA HIS B 32 11.74 2.70 -21.79
C HIS B 32 10.97 3.71 -20.97
N ASP B 33 10.17 3.25 -20.02
CA ASP B 33 9.40 4.21 -19.21
C ASP B 33 10.27 4.84 -18.14
N ARG B 34 10.05 6.12 -17.85
CA ARG B 34 10.90 6.81 -16.88
C ARG B 34 10.09 7.85 -16.18
N VAL B 35 10.26 7.89 -14.88
CA VAL B 35 9.58 8.87 -14.08
C VAL B 35 10.06 10.29 -14.41
N ASP B 36 11.33 10.44 -14.83
CA ASP B 36 11.91 11.75 -15.12
C ASP B 36 11.29 12.38 -16.38
N TYR B 37 10.57 11.58 -17.17
CA TYR B 37 9.80 12.14 -18.30
C TYR B 37 8.57 12.95 -17.87
N LEU B 38 8.12 12.81 -16.62
CA LEU B 38 6.96 13.60 -16.14
C LEU B 38 7.19 15.10 -16.13
N ASN B 39 8.45 15.53 -15.98
CA ASN B 39 8.70 16.96 -15.81
C ASN B 39 9.83 17.47 -16.71
N ASP B 40 9.88 16.98 -17.94
CA ASP B 40 10.96 17.35 -18.85
C ASP B 40 10.55 18.40 -19.88
N GLY B 41 9.30 18.86 -19.83
CA GLY B 41 8.83 19.84 -20.79
C GLY B 41 8.46 19.28 -22.15
N ASP B 42 8.65 17.97 -22.34
CA ASP B 42 8.36 17.29 -23.59
C ASP B 42 7.08 16.52 -23.49
N HIS B 43 6.36 16.46 -24.62
CA HIS B 43 5.07 15.79 -24.73
C HIS B 43 5.06 14.68 -25.81
N SER B 44 6.19 14.00 -25.98
CA SER B 44 6.31 12.90 -26.94
C SER B 44 5.71 11.61 -26.32
N GLU B 45 4.91 10.91 -27.11
CA GLU B 45 4.32 9.64 -26.68
C GLU B 45 5.37 8.58 -26.30
N ASN B 46 6.55 8.60 -26.92
CA ASN B 46 7.58 7.62 -26.55
C ASN B 46 8.48 8.01 -25.38
N ARG B 47 8.14 9.09 -24.69
CA ARG B 47 8.80 9.50 -23.47
C ARG B 47 7.73 9.59 -22.40
N ARG B 48 7.46 8.46 -21.74
CA ARG B 48 6.34 8.43 -20.80
C ARG B 48 6.75 7.75 -19.50
N TRP B 49 6.03 8.11 -18.45
CA TRP B 49 6.06 7.34 -17.21
C TRP B 49 4.85 6.39 -17.21
N THR B 50 5.09 5.18 -16.72
CA THR B 50 4.09 4.18 -16.54
C THR B 50 4.50 3.28 -15.37
N ASN B 51 3.53 2.68 -14.73
CA ASN B 51 3.75 1.60 -13.75
C ASN B 51 3.26 0.27 -14.29
N TRP B 52 3.34 0.12 -15.62
CA TRP B 52 2.93 -1.12 -16.26
C TRP B 52 3.76 -2.29 -15.72
N SER B 53 3.06 -3.39 -15.50
CA SER B 53 3.68 -4.60 -15.13
C SER B 53 2.96 -5.77 -15.83
N PRO B 54 3.69 -6.87 -16.07
CA PRO B 54 3.01 -8.06 -16.62
C PRO B 54 2.17 -8.79 -15.56
N THR B 55 2.40 -8.46 -14.31
CA THR B 55 1.69 -9.04 -13.19
C THR B 55 1.21 -7.95 -12.24
N PRO B 56 0.24 -7.11 -12.67
CA PRO B 56 -0.16 -5.98 -11.81
C PRO B 56 -0.78 -6.41 -10.47
N SER B 57 -0.61 -5.55 -9.48
CA SER B 57 -1.26 -5.75 -8.18
C SER B 57 -2.76 -5.61 -8.37
N SER B 58 -3.54 -6.36 -7.58
CA SER B 58 -4.99 -6.19 -7.52
C SER B 58 -5.35 -4.88 -6.89
N ASN B 59 -4.39 -4.26 -6.19
CA ASN B 59 -4.64 -2.91 -5.69
C ASN B 59 -4.33 -1.97 -6.85
N PRO B 60 -5.30 -1.21 -7.34
CA PRO B 60 -5.05 -0.41 -8.56
C PRO B 60 -4.27 0.85 -8.33
N GLU B 61 -3.91 1.12 -7.09
CA GLU B 61 -3.36 2.39 -6.75
C GLU B 61 -1.90 2.57 -7.14
N VAL B 62 -1.61 3.76 -7.65
CA VAL B 62 -0.26 4.19 -7.94
C VAL B 62 -0.22 5.70 -7.77
N SER B 63 0.91 6.20 -7.29
CA SER B 63 1.09 7.61 -7.04
C SER B 63 2.28 8.13 -7.77
N ALA B 64 2.15 9.34 -8.28
CA ALA B 64 3.28 10.04 -8.91
C ALA B 64 3.20 11.49 -8.58
N GLY B 65 4.36 12.14 -8.46
CA GLY B 65 4.42 13.52 -8.04
C GLY B 65 5.70 14.24 -8.35
N VAL B 66 5.85 15.42 -7.76
CA VAL B 66 7.05 16.22 -7.88
C VAL B 66 7.43 16.78 -6.51
N ILE B 67 8.73 16.71 -6.22
CA ILE B 67 9.37 17.34 -5.08
C ILE B 67 10.03 18.61 -5.60
N PHE B 68 9.76 19.72 -4.92
CA PHE B 68 10.34 21.00 -5.31
C PHE B 68 11.72 21.22 -4.73
N ARG B 69 12.64 21.69 -5.57
CA ARG B 69 14.06 21.75 -5.20
C ARG B 69 14.75 22.95 -5.89
N GLU B 70 15.71 23.56 -5.19
CA GLU B 70 16.53 24.70 -5.72
C GLU B 70 17.95 24.53 -5.22
N ASN B 71 18.91 24.61 -6.14
CA ASN B 71 20.33 24.36 -5.82
C ASN B 71 20.53 23.16 -4.88
N GLY B 72 19.83 22.07 -5.17
CA GLY B 72 19.92 20.83 -4.41
C GLY B 72 19.26 20.77 -3.04
N LYS B 73 18.52 21.82 -2.67
CA LYS B 73 17.77 21.90 -1.41
C LYS B 73 16.26 21.78 -1.68
N ILE B 74 15.57 20.88 -0.96
CA ILE B 74 14.10 20.80 -1.06
C ILE B 74 13.51 22.04 -0.47
N VAL B 75 12.60 22.65 -1.19
CA VAL B 75 11.96 23.87 -0.78
C VAL B 75 10.45 23.76 -0.81
N GLU B 76 9.81 24.61 -0.02
CA GLU B 76 8.38 24.83 -0.09
C GLU B 76 8.08 25.73 -1.27
N ARG B 77 7.03 25.42 -2.02
CA ARG B 77 6.49 26.28 -3.07
C ARG B 77 5.00 26.38 -2.91
N THR B 78 4.44 27.53 -3.29
CA THR B 78 3.02 27.76 -3.31
C THR B 78 2.51 27.44 -4.71
N VAL B 79 1.59 26.50 -4.78
CA VAL B 79 1.01 26.06 -6.07
C VAL B 79 -0.50 26.09 -6.05
N ALA B 80 -1.09 26.36 -7.21
CA ALA B 80 -2.55 26.48 -7.34
C ALA B 80 -3.04 25.98 -8.70
N GLN B 81 -2.15 25.46 -9.54
CA GLN B 81 -2.57 24.95 -10.82
C GLN B 81 -1.71 23.75 -11.16
N ALA B 82 -2.20 22.96 -12.09
CA ALA B 82 -1.47 21.78 -12.52
C ALA B 82 -1.87 21.44 -13.93
N LYS B 83 -1.03 20.64 -14.56
CA LYS B 83 -1.31 20.12 -15.87
C LYS B 83 -1.04 18.64 -15.85
N LEU B 84 -1.88 17.91 -16.55
CA LEU B 84 -1.77 16.47 -16.63
C LEU B 84 -1.87 16.07 -18.07
N HIS B 85 -0.93 15.24 -18.52
CA HIS B 85 -1.00 14.69 -19.86
C HIS B 85 -0.83 13.19 -19.77
N PHE B 86 -1.95 12.50 -20.05
CA PHE B 86 -2.01 11.04 -19.98
C PHE B 86 -1.75 10.44 -21.33
N PHE B 87 -1.34 9.16 -21.30
CA PHE B 87 -1.04 8.33 -22.46
C PHE B 87 -1.90 7.08 -22.33
N ALA B 88 -2.18 6.44 -23.47
CA ALA B 88 -2.78 5.13 -23.45
C ALA B 88 -2.28 4.29 -24.58
N ASP B 89 -2.28 2.99 -24.33
CA ASP B 89 -1.88 1.97 -25.30
C ASP B 89 -2.49 0.67 -24.82
N SER B 90 -2.00 -0.49 -25.27
CA SER B 90 -2.69 -1.73 -24.91
C SER B 90 -2.69 -1.99 -23.40
N GLY B 91 -1.64 -1.58 -22.71
CA GLY B 91 -1.53 -1.93 -21.29
C GLY B 91 -1.85 -0.82 -20.32
N THR B 92 -1.89 0.43 -20.82
CA THR B 92 -1.98 1.59 -19.93
C THR B 92 -3.00 2.60 -20.42
N ASP B 93 -3.36 3.54 -19.55
CA ASP B 93 -4.32 4.56 -19.84
C ASP B 93 -4.27 5.62 -18.73
N ALA B 94 -5.05 6.68 -18.91
CA ALA B 94 -5.42 7.56 -17.83
C ALA B 94 -6.05 6.71 -16.71
N PRO B 95 -6.12 7.26 -15.49
CA PRO B 95 -6.71 6.53 -14.35
C PRO B 95 -8.23 6.64 -14.23
N SER B 96 -8.84 5.72 -13.49
CA SER B 96 -10.28 5.76 -13.19
C SER B 96 -10.54 6.59 -11.95
N LYS B 97 -9.52 6.84 -11.15
CA LYS B 97 -9.65 7.67 -9.93
C LYS B 97 -8.40 8.52 -9.86
N LEU B 98 -8.56 9.77 -9.44
CA LEU B 98 -7.48 10.78 -9.50
C LEU B 98 -7.66 11.71 -8.31
N VAL B 99 -6.72 11.66 -7.37
CA VAL B 99 -6.81 12.45 -6.16
C VAL B 99 -5.54 13.29 -6.03
N LEU B 100 -5.71 14.59 -5.82
CA LEU B 100 -4.59 15.50 -5.64
C LEU B 100 -4.24 15.56 -4.15
N GLU B 101 -2.98 15.39 -3.84
CA GLU B 101 -2.54 15.43 -2.46
C GLU B 101 -1.32 16.33 -2.32
N ARG B 102 -1.24 17.00 -1.17
CA ARG B 102 -0.06 17.75 -0.78
C ARG B 102 0.63 17.06 0.37
N TYR B 103 1.96 17.15 0.43
CA TYR B 103 2.72 16.49 1.48
C TYR B 103 2.62 17.28 2.76
N VAL B 104 2.33 16.57 3.85
CA VAL B 104 2.21 17.16 5.17
C VAL B 104 2.98 16.37 6.21
N GLY B 105 3.93 15.54 5.76
CA GLY B 105 4.69 14.69 6.62
C GLY B 105 5.93 15.36 7.20
N PRO B 106 6.81 14.57 7.82
CA PRO B 106 8.08 15.13 8.31
C PRO B 106 9.05 15.55 7.21
N GLY B 107 10.07 16.31 7.59
CA GLY B 107 11.14 16.66 6.69
C GLY B 107 11.64 15.37 6.10
N PHE B 108 12.12 15.43 4.86
CA PHE B 108 12.58 14.24 4.16
C PHE B 108 13.69 14.57 3.17
N GLU B 109 14.29 13.54 2.60
CA GLU B 109 15.13 13.76 1.43
C GLU B 109 14.51 13.01 0.26
N VAL B 110 14.99 13.35 -0.93
CA VAL B 110 14.56 12.64 -2.12
C VAL B 110 14.83 11.16 -1.89
N PRO B 111 13.83 10.31 -2.17
CA PRO B 111 14.08 8.87 -2.12
C PRO B 111 15.27 8.46 -2.97
N THR B 112 16.05 7.54 -2.46
CA THR B 112 17.08 6.93 -3.26
C THR B 112 16.42 6.25 -4.44
N TYR B 113 15.34 5.53 -4.17
CA TYR B 113 14.60 4.84 -5.23
C TYR B 113 13.34 5.62 -5.51
N TYR B 114 13.53 6.78 -6.14
CA TYR B 114 12.48 7.77 -6.34
C TYR B 114 11.43 7.39 -7.38
N SER B 115 11.75 6.45 -8.27
CA SER B 115 10.74 5.92 -9.23
C SER B 115 9.97 4.71 -8.69
N ASN B 116 10.43 4.14 -7.56
CA ASN B 116 9.85 2.92 -7.07
C ASN B 116 9.90 2.87 -5.55
N TYR B 117 9.41 3.93 -4.88
CA TYR B 117 9.65 4.02 -3.45
C TYR B 117 8.89 2.93 -2.69
N GLN B 118 7.78 2.43 -3.23
CA GLN B 118 6.97 1.54 -2.40
C GLN B 118 7.59 0.17 -2.22
N ALA B 119 8.10 -0.42 -3.31
CA ALA B 119 8.78 -1.69 -3.23
C ALA B 119 10.24 -1.57 -2.76
N TYR B 120 10.94 -0.50 -3.12
CA TYR B 120 12.38 -0.39 -2.90
C TYR B 120 12.80 0.46 -1.72
N GLU B 121 11.90 1.31 -1.22
CA GLU B 121 12.23 2.19 -0.10
C GLU B 121 11.01 2.41 0.78
N SER B 122 10.42 1.33 1.27
CA SER B 122 9.16 1.40 1.97
C SER B 122 9.21 2.25 3.27
N GLY B 123 10.39 2.40 3.85
CA GLY B 123 10.60 3.25 5.04
C GLY B 123 10.55 4.76 4.80
N HIS B 124 10.52 5.16 3.54
CA HIS B 124 10.54 6.54 3.21
C HIS B 124 9.18 7.12 3.65
N PRO B 125 9.18 8.31 4.21
CA PRO B 125 7.88 8.89 4.67
C PRO B 125 6.80 9.04 3.61
N PHE B 126 7.17 9.15 2.35
CA PHE B 126 6.19 9.17 1.25
C PHE B 126 5.29 7.94 1.22
N ASN B 127 5.78 6.81 1.76
CA ASN B 127 5.00 5.60 1.79
C ASN B 127 3.93 5.55 2.88
N ASN B 128 3.85 6.56 3.73
CA ASN B 128 2.84 6.59 4.78
C ASN B 128 1.64 7.46 4.34
N PRO B 129 0.49 6.83 4.11
CA PRO B 129 -0.66 7.61 3.61
C PRO B 129 -1.01 8.82 4.47
N GLU B 130 -0.72 8.77 5.76
CA GLU B 130 -1.07 9.89 6.67
C GLU B 130 -0.21 11.11 6.41
N ASN B 131 0.86 10.96 5.62
CA ASN B 131 1.72 12.09 5.28
C ASN B 131 1.26 12.87 4.05
N TRP B 132 0.05 12.59 3.56
CA TRP B 132 -0.50 13.17 2.38
C TRP B 132 -1.92 13.61 2.70
N GLU B 133 -2.20 14.84 2.30
CA GLU B 133 -3.49 15.49 2.51
C GLU B 133 -4.20 15.79 1.19
N ALA B 134 -5.46 15.39 1.08
CA ALA B 134 -6.21 15.63 -0.16
C ALA B 134 -6.46 17.12 -0.42
N VAL B 135 -6.37 17.48 -1.69
CA VAL B 135 -6.65 18.83 -2.16
C VAL B 135 -7.77 18.79 -3.18
N PRO B 136 -8.90 19.47 -2.89
CA PRO B 136 -9.91 19.48 -3.93
C PRO B 136 -9.45 20.23 -5.20
N TYR B 137 -9.78 19.69 -6.37
CA TYR B 137 -9.34 20.31 -7.60
C TYR B 137 -10.47 20.29 -8.62
N ARG B 138 -10.30 21.08 -9.66
CA ARG B 138 -11.17 21.01 -10.79
C ARG B 138 -10.32 20.91 -12.07
N ALA B 139 -10.75 20.05 -13.00
CA ALA B 139 -10.10 19.87 -14.29
C ALA B 139 -10.97 20.43 -15.40
N ASP B 140 -10.34 20.97 -16.43
CA ASP B 140 -11.09 21.57 -17.53
C ASP B 140 -11.57 20.58 -18.62
N LYS B 141 -11.14 19.33 -18.58
CA LYS B 141 -11.64 18.36 -19.54
C LYS B 141 -11.66 16.98 -18.90
N ASP B 142 -12.18 15.99 -19.63
CA ASP B 142 -12.18 14.60 -19.15
C ASP B 142 -10.79 14.12 -18.78
N ILE B 143 -10.72 13.33 -17.71
CA ILE B 143 -9.50 12.63 -17.35
C ILE B 143 -9.38 11.45 -18.33
N ALA B 144 -8.73 11.70 -19.44
CA ALA B 144 -8.52 10.72 -20.51
C ALA B 144 -7.18 10.99 -21.12
N ALA B 145 -6.67 10.03 -21.89
CA ALA B 145 -5.42 10.23 -22.60
C ALA B 145 -5.71 11.04 -23.83
N GLY B 146 -4.76 11.88 -24.21
CA GLY B 146 -4.96 12.71 -25.40
C GLY B 146 -4.33 14.08 -25.28
N ASP B 147 -5.13 15.08 -24.97
CA ASP B 147 -4.63 16.43 -24.83
C ASP B 147 -4.33 16.69 -23.38
N GLU B 148 -3.54 17.72 -23.15
CA GLU B 148 -3.19 18.14 -21.82
C GLU B 148 -4.41 18.70 -21.08
N ILE B 149 -4.54 18.31 -19.82
CA ILE B 149 -5.63 18.69 -18.96
C ILE B 149 -5.13 19.74 -18.01
N ASN B 150 -5.90 20.84 -17.90
CA ASN B 150 -5.58 21.95 -16.99
C ASN B 150 -6.39 21.81 -15.72
N VAL B 151 -5.71 22.01 -14.60
CA VAL B 151 -6.26 21.77 -13.28
C VAL B 151 -6.07 23.02 -12.42
N THR B 152 -7.06 23.30 -11.60
CA THR B 152 -6.98 24.39 -10.67
C THR B 152 -7.46 23.93 -9.29
N PHE B 153 -6.91 24.56 -8.28
CA PHE B 153 -7.23 24.29 -6.91
C PHE B 153 -6.80 25.50 -6.07
N LYS B 154 -7.31 25.54 -4.85
CA LYS B 154 -6.97 26.60 -3.91
C LYS B 154 -5.50 26.50 -3.58
N ALA B 155 -4.81 27.64 -3.62
CA ALA B 155 -3.38 27.69 -3.39
C ALA B 155 -3.01 26.97 -2.10
N VAL B 156 -1.94 26.19 -2.17
CA VAL B 156 -1.38 25.50 -1.05
C VAL B 156 0.14 25.53 -1.14
N LYS B 157 0.79 25.47 0.01
CA LYS B 157 2.25 25.47 0.09
C LYS B 157 2.67 24.06 0.41
N ALA B 158 3.69 23.53 -0.28
CA ALA B 158 4.15 22.19 0.02
C ALA B 158 5.55 22.02 -0.55
N LYS B 159 6.28 21.05 0.00
CA LYS B 159 7.57 20.65 -0.56
C LYS B 159 7.39 19.60 -1.64
N ALA B 160 6.20 19.01 -1.69
CA ALA B 160 5.93 17.99 -2.67
C ALA B 160 4.44 17.87 -2.88
N MET B 161 4.06 17.59 -4.12
CA MET B 161 2.67 17.38 -4.50
C MET B 161 2.59 16.06 -5.22
N ARG B 162 1.45 15.41 -5.16
CA ARG B 162 1.30 14.15 -5.90
C ARG B 162 -0.12 13.91 -6.35
N TRP B 163 -0.23 13.01 -7.31
CA TRP B 163 -1.52 12.50 -7.70
C TRP B 163 -1.60 11.02 -7.32
N ARG B 164 -2.59 10.71 -6.50
CA ARG B 164 -2.86 9.32 -6.08
C ARG B 164 -3.95 8.79 -6.97
N MET B 165 -3.63 7.77 -7.72
CA MET B 165 -4.43 7.38 -8.86
C MET B 165 -4.81 5.90 -8.79
N GLU B 166 -5.86 5.52 -9.50
CA GLU B 166 -6.12 4.10 -9.71
C GLU B 166 -6.15 3.75 -11.17
N ARG B 167 -5.44 2.70 -11.58
CA ARG B 167 -5.59 2.19 -12.94
C ARG B 167 -7.04 1.72 -13.21
N LYS B 168 -7.40 1.74 -14.49
CA LYS B 168 -8.69 1.21 -14.87
C LYS B 168 -8.68 -0.31 -14.67
N ALA B 169 -9.85 -0.88 -14.40
CA ALA B 169 -9.97 -2.33 -14.21
C ALA B 169 -9.51 -3.13 -15.43
N ASP B 170 -9.69 -2.60 -16.64
CA ASP B 170 -9.23 -3.27 -17.88
C ASP B 170 -7.83 -2.89 -18.36
N LYS B 171 -7.02 -2.32 -17.47
CA LYS B 171 -5.67 -1.90 -17.81
C LYS B 171 -4.68 -2.41 -16.77
N SER B 172 -3.39 -2.50 -17.17
CA SER B 172 -2.33 -2.94 -16.26
C SER B 172 -1.50 -1.81 -15.68
N GLY B 173 -1.89 -0.57 -15.92
CA GLY B 173 -1.17 0.55 -15.36
C GLY B 173 -1.74 1.90 -15.78
N VAL B 174 -1.18 2.95 -15.15
CA VAL B 174 -1.41 4.32 -15.53
C VAL B 174 -0.18 4.79 -16.29
N ALA B 175 -0.40 5.68 -17.26
CA ALA B 175 0.66 6.24 -18.08
C ALA B 175 0.53 7.72 -18.17
N MET B 176 1.65 8.42 -18.10
CA MET B 176 1.65 9.85 -18.23
C MET B 176 2.82 10.36 -19.05
N ILE B 177 2.54 11.37 -19.85
CA ILE B 177 3.53 12.08 -20.62
C ILE B 177 4.09 13.34 -19.92
N GLU B 178 3.26 14.06 -19.16
CA GLU B 178 3.75 15.17 -18.36
C GLU B 178 2.89 15.40 -17.18
N MET B 179 3.51 15.86 -16.08
CA MET B 179 2.81 16.26 -14.89
C MET B 179 3.50 17.49 -14.34
N THR B 180 2.76 18.60 -14.27
CA THR B 180 3.30 19.91 -13.92
C THR B 180 2.51 20.53 -12.76
N PHE B 181 3.20 21.21 -11.85
CA PHE B 181 2.56 22.06 -10.83
C PHE B 181 3.04 23.47 -11.03
N LEU B 182 2.13 24.43 -10.99
CA LEU B 182 2.40 25.83 -11.31
C LEU B 182 1.92 26.73 -10.19
N ALA B 183 2.54 27.90 -10.09
CA ALA B 183 2.16 28.92 -9.09
C ALA B 183 0.77 29.46 -9.41
N PRO B 184 0.10 30.06 -8.41
CA PRO B 184 -1.11 30.81 -8.74
C PRO B 184 -0.75 31.92 -9.73
N SER B 185 -1.65 32.24 -10.65
CA SER B 185 -1.35 33.27 -11.66
C SER B 185 -1.74 34.65 -11.12
#